data_7D3B
#
_entry.id   7D3B
#
_cell.length_a   65.465
_cell.length_b   65.465
_cell.length_c   193.544
_cell.angle_alpha   90.000
_cell.angle_beta   90.000
_cell.angle_gamma   90.000
#
_symmetry.space_group_name_H-M   'P 43 21 2'
#
loop_
_entity.id
_entity.type
_entity.pdbx_description
1 polymer Cd1
2 non-polymer 'FLAVIN MONONUCLEOTIDE'
3 non-polymer 2-(3,4-dihydroxyphenyl)-5,7-dihydroxy-4H-chromen-4-one
4 water water
#
_entity_poly.entity_id   1
_entity_poly.type   'polypeptide(L)'
_entity_poly.pdbx_seq_one_letter_code
;(MSE)KILGISGG(MSE)RNGSNDG(MSE)CIEAL(MSE)GAKE(MSE)GAEVEFIQLQNLHIEHCTGCTACVQSVLGGR
GGKCVLKDDFDWLLDK(MSE)LDADGIVFSTPIFEKGATGLFHTITDRFGPR(MSE)DRGNNIIGTKIAEETGGTAPDPR
ILKDKVISF(MSE)SVGGSDWVTRTQCDAG(MSE)LALTP(MSE)WKVIDNEVFPWALSILVEDERVARAHQIGRNIAEA
AKDIEHAQYQGDAGVCPHCHSRNFHLQDGKAICCLCGLEGEIHNEGGKYSFTFPAEQLEHAHDTLSGKFIHGNDIKENTG
KKIAN(MSE)QTEKYKARQAAYRAFITATVPEKG
;
_entity_poly.pdbx_strand_id   A
#
loop_
_chem_comp.id
_chem_comp.type
_chem_comp.name
_chem_comp.formula
FMN non-polymer 'FLAVIN MONONUCLEOTIDE' 'C17 H21 N4 O9 P'
LU2 non-polymer 2-(3,4-dihydroxyphenyl)-5,7-dihydroxy-4H-chromen-4-one 'C15 H10 O6'
#
# COMPACT_ATOMS: atom_id res chain seq x y z
N MSE A 1 -23.03 -1.07 -3.02
CA MSE A 1 -21.60 -0.87 -2.82
C MSE A 1 -20.82 -1.25 -4.07
O MSE A 1 -21.05 -2.33 -4.63
CB MSE A 1 -21.09 -1.69 -1.63
CG MSE A 1 -21.72 -1.30 -0.29
SE MSE A 1 -21.91 0.61 0.11
CE MSE A 1 -20.08 1.02 0.62
N LYS A 2 -19.92 -0.37 -4.52
CA LYS A 2 -19.13 -0.60 -5.72
C LYS A 2 -17.78 -1.20 -5.35
N ILE A 3 -17.51 -2.40 -5.87
CA ILE A 3 -16.21 -3.06 -5.73
C ILE A 3 -15.45 -2.90 -7.03
N LEU A 4 -14.24 -2.35 -6.94
CA LEU A 4 -13.31 -2.26 -8.06
C LEU A 4 -12.25 -3.35 -7.91
N GLY A 5 -12.09 -4.17 -8.94
CA GLY A 5 -11.01 -5.15 -9.01
C GLY A 5 -9.94 -4.68 -9.98
N ILE A 6 -8.69 -4.81 -9.56
CA ILE A 6 -7.55 -4.35 -10.34
C ILE A 6 -6.58 -5.52 -10.44
N SER A 7 -6.06 -5.77 -11.64
CA SER A 7 -5.06 -6.81 -11.85
C SER A 7 -3.81 -6.23 -12.50
N GLY A 8 -2.64 -6.68 -12.01
CA GLY A 8 -1.39 -6.27 -12.60
C GLY A 8 -0.66 -7.38 -13.32
N GLY A 9 -1.38 -8.44 -13.71
CA GLY A 9 -0.80 -9.52 -14.47
C GLY A 9 -0.89 -9.29 -15.97
N MSE A 10 -0.59 -10.34 -16.73
CA MSE A 10 -0.80 -10.34 -18.18
C MSE A 10 -2.29 -10.36 -18.50
O MSE A 10 -3.08 -10.93 -17.73
CB MSE A 10 -0.12 -11.55 -18.85
CG MSE A 10 1.41 -11.49 -19.03
SE MSE A 10 2.25 -9.85 -19.74
CE MSE A 10 0.83 -9.22 -20.95
N ARG A 11 -2.69 -9.76 -19.63
CA ARG A 11 -4.07 -9.86 -20.08
C ARG A 11 -4.49 -11.32 -20.11
N ASN A 12 -5.61 -11.61 -19.44
CA ASN A 12 -6.22 -12.93 -19.41
C ASN A 12 -5.39 -13.92 -18.63
N GLY A 13 -4.45 -13.44 -17.80
CA GLY A 13 -3.62 -14.31 -17.01
C GLY A 13 -4.31 -14.75 -15.71
N SER A 14 -3.50 -15.40 -14.86
CA SER A 14 -4.03 -15.91 -13.59
C SER A 14 -4.51 -14.79 -12.67
N ASN A 15 -3.75 -13.69 -12.58
CA ASN A 15 -4.18 -12.55 -11.75
C ASN A 15 -5.50 -11.98 -12.25
N ASP A 16 -5.70 -11.93 -13.57
CA ASP A 16 -7.00 -11.52 -14.10
C ASP A 16 -8.10 -12.45 -13.58
N GLY A 17 -7.85 -13.76 -13.63
CA GLY A 17 -8.88 -14.71 -13.26
C GLY A 17 -9.21 -14.68 -11.78
N MSE A 18 -8.18 -14.58 -10.94
CA MSE A 18 -8.38 -14.56 -9.50
C MSE A 18 -9.17 -13.32 -9.11
O MSE A 18 -10.04 -13.34 -8.23
CB MSE A 18 -7.04 -14.57 -8.77
CG MSE A 18 -6.26 -15.86 -8.97
SE MSE A 18 -7.17 -17.33 -8.06
CE MSE A 18 -6.54 -17.05 -6.21
N CYS A 19 -8.83 -12.23 -9.80
CA CYS A 19 -9.46 -10.94 -9.54
C CYS A 19 -10.91 -10.94 -10.01
N ILE A 20 -11.16 -11.36 -11.25
CA ILE A 20 -12.54 -11.52 -11.71
C ILE A 20 -13.29 -12.51 -10.85
N GLU A 21 -12.62 -13.53 -10.35
CA GLU A 21 -13.29 -14.45 -9.45
C GLU A 21 -13.70 -13.76 -8.15
N ALA A 22 -12.84 -12.89 -7.62
CA ALA A 22 -13.23 -12.13 -6.44
C ALA A 22 -14.41 -11.23 -6.75
N LEU A 23 -14.37 -10.57 -7.91
CA LEU A 23 -15.46 -9.71 -8.34
C LEU A 23 -16.78 -10.48 -8.40
N MSE A 24 -16.73 -11.75 -8.79
CA MSE A 24 -17.94 -12.57 -8.91
C MSE A 24 -18.50 -12.86 -7.53
O MSE A 24 -19.71 -12.78 -7.33
CB MSE A 24 -17.67 -13.89 -9.65
CG MSE A 24 -17.58 -13.76 -11.15
SE MSE A 24 -17.08 -15.48 -11.99
CE MSE A 24 -17.42 -15.01 -13.85
N GLY A 25 -17.61 -13.21 -6.61
CA GLY A 25 -18.04 -13.30 -5.22
C GLY A 25 -18.68 -12.03 -4.73
N ALA A 26 -18.10 -10.88 -5.10
CA ALA A 26 -18.66 -9.60 -4.65
C ALA A 26 -20.05 -9.38 -5.21
N LYS A 27 -20.25 -9.63 -6.51
CA LYS A 27 -21.57 -9.49 -7.11
C LYS A 27 -22.57 -10.41 -6.44
N GLU A 28 -22.10 -11.58 -6.01
CA GLU A 28 -22.92 -12.50 -5.24
C GLU A 28 -23.47 -11.85 -3.98
N MSE A 29 -22.66 -11.05 -3.30
CA MSE A 29 -23.13 -10.36 -2.09
C MSE A 29 -23.91 -9.10 -2.44
O MSE A 29 -24.28 -8.35 -1.54
CB MSE A 29 -21.96 -9.97 -1.18
CG MSE A 29 -21.06 -11.09 -0.78
SE MSE A 29 -22.00 -12.41 0.26
CE MSE A 29 -22.57 -13.57 -1.20
N GLY A 30 -24.14 -8.85 -3.72
CA GLY A 30 -24.97 -7.73 -4.13
C GLY A 30 -24.25 -6.48 -4.59
N ALA A 31 -22.94 -6.54 -4.85
CA ALA A 31 -22.21 -5.34 -5.20
C ALA A 31 -22.26 -5.07 -6.71
N GLU A 32 -22.09 -3.80 -7.05
CA GLU A 32 -21.76 -3.41 -8.41
C GLU A 32 -20.25 -3.57 -8.58
N VAL A 33 -19.81 -4.14 -9.70
CA VAL A 33 -18.41 -4.49 -9.84
C VAL A 33 -17.82 -3.85 -11.10
N GLU A 34 -16.53 -3.55 -11.04
CA GLU A 34 -15.78 -3.02 -12.16
C GLU A 34 -14.38 -3.63 -12.15
N PHE A 35 -13.78 -3.75 -13.33
CA PHE A 35 -12.47 -4.40 -13.48
C PHE A 35 -11.53 -3.53 -14.32
N ILE A 36 -10.32 -3.31 -13.79
CA ILE A 36 -9.28 -2.59 -14.51
C ILE A 36 -8.06 -3.49 -14.65
N GLN A 37 -7.59 -3.64 -15.87
CA GLN A 37 -6.40 -4.41 -16.22
C GLN A 37 -5.27 -3.41 -16.46
N LEU A 38 -4.25 -3.45 -15.62
CA LEU A 38 -3.22 -2.39 -15.65
C LEU A 38 -2.38 -2.40 -16.92
N GLN A 39 -2.29 -3.53 -17.64
CA GLN A 39 -1.54 -3.53 -18.90
C GLN A 39 -2.16 -2.60 -19.94
N ASN A 40 -3.43 -2.19 -19.76
CA ASN A 40 -4.06 -1.21 -20.64
C ASN A 40 -3.73 0.23 -20.29
N LEU A 41 -3.08 0.45 -19.16
CA LEU A 41 -2.77 1.79 -18.69
C LEU A 41 -1.31 2.14 -18.98
N HIS A 42 -1.08 3.42 -19.21
CA HIS A 42 0.28 3.96 -19.30
C HIS A 42 0.56 4.72 -18.03
N ILE A 43 1.53 4.24 -17.25
CA ILE A 43 1.85 4.79 -15.95
C ILE A 43 3.35 4.94 -15.85
N GLU A 44 3.81 6.19 -15.74
CA GLU A 44 5.22 6.55 -15.67
C GLU A 44 5.74 6.44 -14.23
N HIS A 45 7.02 6.20 -14.08
CA HIS A 45 7.66 6.20 -12.77
C HIS A 45 7.64 7.55 -12.07
N CYS A 46 7.57 7.53 -10.74
CA CYS A 46 7.77 8.70 -9.89
C CYS A 46 9.17 9.27 -10.03
N THR A 47 9.28 10.54 -10.33
CA THR A 47 10.57 11.12 -10.64
C THR A 47 11.20 11.85 -9.46
N ASP A 68 0.81 8.97 -15.89
CA ASP A 68 -0.04 9.62 -16.92
C ASP A 68 -1.50 9.14 -17.09
N ASP A 69 -1.74 7.83 -17.20
CA ASP A 69 -3.07 7.34 -16.89
C ASP A 69 -3.30 7.23 -15.39
N PHE A 70 -2.34 7.68 -14.57
CA PHE A 70 -2.41 7.49 -13.14
C PHE A 70 -3.57 8.28 -12.51
N ASP A 71 -3.74 9.54 -12.91
CA ASP A 71 -4.86 10.31 -12.36
C ASP A 71 -6.17 9.60 -12.59
N TRP A 72 -6.38 9.10 -13.82
CA TRP A 72 -7.59 8.36 -14.14
C TRP A 72 -7.76 7.17 -13.22
N LEU A 73 -6.67 6.40 -13.02
CA LEU A 73 -6.74 5.23 -12.14
C LEU A 73 -7.18 5.62 -10.74
N LEU A 74 -6.57 6.67 -10.18
CA LEU A 74 -6.89 7.09 -8.83
C LEU A 74 -8.34 7.54 -8.72
N ASP A 75 -8.81 8.29 -9.72
CA ASP A 75 -10.22 8.66 -9.75
C ASP A 75 -11.10 7.41 -9.67
N LYS A 76 -10.79 6.38 -10.46
CA LYS A 76 -11.55 5.14 -10.34
C LYS A 76 -11.46 4.58 -8.93
N MSE A 77 -10.28 4.61 -8.33
CA MSE A 77 -10.17 4.03 -6.99
C MSE A 77 -10.95 4.83 -5.96
O MSE A 77 -11.52 4.26 -5.04
CB MSE A 77 -8.72 3.90 -6.57
CG MSE A 77 -7.92 3.06 -7.56
SE MSE A 77 -6.01 2.97 -7.14
CE MSE A 77 -6.08 1.77 -5.58
N LEU A 78 -10.97 6.16 -6.12
CA LEU A 78 -11.66 7.02 -5.16
C LEU A 78 -13.17 6.81 -5.21
N ASP A 79 -13.71 6.36 -6.33
CA ASP A 79 -15.13 6.16 -6.44
C ASP A 79 -15.58 4.80 -5.93
N ALA A 80 -14.65 3.87 -5.76
CA ALA A 80 -15.02 2.54 -5.30
C ALA A 80 -15.20 2.59 -3.79
N ASP A 81 -16.14 1.80 -3.28
CA ASP A 81 -16.23 1.66 -1.83
C ASP A 81 -15.29 0.60 -1.32
N GLY A 82 -14.88 -0.33 -2.19
CA GLY A 82 -13.89 -1.33 -1.84
C GLY A 82 -13.13 -1.73 -3.09
N ILE A 83 -11.94 -2.26 -2.88
CA ILE A 83 -11.00 -2.52 -3.96
C ILE A 83 -10.39 -3.90 -3.76
N VAL A 84 -10.38 -4.72 -4.81
CA VAL A 84 -9.62 -5.97 -4.83
C VAL A 84 -8.47 -5.80 -5.80
N PHE A 85 -7.26 -5.98 -5.30
CA PHE A 85 -6.05 -5.79 -6.08
C PHE A 85 -5.29 -7.10 -6.12
N SER A 86 -5.12 -7.65 -7.32
CA SER A 86 -4.36 -8.88 -7.54
C SER A 86 -3.07 -8.58 -8.31
N THR A 87 -1.94 -8.90 -7.70
CA THR A 87 -0.65 -8.60 -8.32
C THR A 87 0.20 -9.85 -8.47
N PRO A 88 0.85 -10.02 -9.61
CA PRO A 88 1.94 -10.98 -9.72
C PRO A 88 3.03 -10.69 -8.69
N ILE A 89 3.79 -11.74 -8.37
CA ILE A 89 4.94 -11.63 -7.50
C ILE A 89 6.21 -11.61 -8.35
N PHE A 90 7.04 -10.58 -8.21
CA PHE A 90 8.33 -10.49 -8.88
C PHE A 90 9.43 -10.34 -7.84
N GLU A 91 10.44 -11.18 -7.91
CA GLU A 91 11.55 -11.19 -6.95
C GLU A 91 11.05 -11.07 -5.51
N LYS A 92 10.05 -11.87 -5.17
CA LYS A 92 9.53 -12.04 -3.82
C LYS A 92 8.51 -10.97 -3.43
N GLY A 93 8.36 -9.90 -4.21
CA GLY A 93 7.44 -8.85 -3.85
C GLY A 93 6.48 -8.53 -4.98
N ALA A 94 5.79 -7.39 -4.87
CA ALA A 94 4.95 -6.95 -5.97
C ALA A 94 5.81 -6.47 -7.13
N THR A 95 5.16 -6.32 -8.30
CA THR A 95 5.84 -5.84 -9.49
C THR A 95 6.33 -4.40 -9.32
N GLY A 96 7.27 -4.01 -10.20
CA GLY A 96 7.75 -2.63 -10.20
C GLY A 96 6.62 -1.64 -10.38
N LEU A 97 5.60 -2.02 -11.15
CA LEU A 97 4.47 -1.13 -11.40
C LEU A 97 3.66 -0.94 -10.12
N PHE A 98 3.49 -2.01 -9.34
CA PHE A 98 2.82 -1.86 -8.05
C PHE A 98 3.60 -0.90 -7.14
N HIS A 99 4.92 -0.98 -7.16
CA HIS A 99 5.72 -0.05 -6.37
C HIS A 99 5.64 1.37 -6.89
N THR A 100 5.48 1.54 -8.19
CA THR A 100 5.30 2.88 -8.74
C THR A 100 3.97 3.46 -8.28
N ILE A 101 2.90 2.67 -8.36
CA ILE A 101 1.63 3.17 -7.84
C ILE A 101 1.78 3.57 -6.38
N THR A 102 2.55 2.80 -5.61
CA THR A 102 2.79 3.16 -4.22
C THR A 102 3.58 4.46 -4.11
N ASP A 103 4.68 4.60 -4.88
CA ASP A 103 5.39 5.87 -4.91
C ASP A 103 4.42 7.01 -5.12
N ARG A 104 3.62 6.92 -6.17
CA ARG A 104 2.78 8.03 -6.58
C ARG A 104 1.57 8.23 -5.68
N PHE A 105 1.34 7.35 -4.72
CA PHE A 105 0.23 7.53 -3.78
C PHE A 105 0.55 8.64 -2.78
N GLY A 106 1.79 8.69 -2.29
CA GLY A 106 2.17 9.68 -1.32
C GLY A 106 1.61 11.04 -1.61
N PRO A 107 2.18 11.71 -2.61
CA PRO A 107 1.82 13.12 -2.89
C PRO A 107 0.32 13.38 -3.00
N ARG A 108 -0.47 12.33 -3.20
CA ARG A 108 -1.88 12.49 -3.50
C ARG A 108 -2.81 11.94 -2.43
N MSE A 109 -2.37 10.98 -1.63
CA MSE A 109 -3.29 10.10 -0.93
C MSE A 109 -2.99 9.96 0.54
O MSE A 109 -3.71 9.28 1.26
CB MSE A 109 -3.29 8.71 -1.56
CG MSE A 109 -3.85 8.66 -2.96
SE MSE A 109 -5.71 9.27 -3.04
CE MSE A 109 -6.56 7.86 -1.98
N ASP A 110 -1.90 10.58 0.97
CA ASP A 110 -1.55 10.52 2.38
C ASP A 110 -2.71 11.07 3.22
N ARG A 111 -3.25 10.25 4.13
CA ARG A 111 -4.38 10.72 4.90
C ARG A 111 -3.99 11.88 5.80
N GLY A 112 -2.82 11.80 6.42
CA GLY A 112 -2.35 12.89 7.23
C GLY A 112 -2.31 14.22 6.49
N ASN A 113 -1.60 14.26 5.37
CA ASN A 113 -1.44 15.53 4.65
C ASN A 113 -2.75 16.03 4.10
N ASN A 114 -3.69 15.13 3.79
CA ASN A 114 -4.97 15.56 3.23
C ASN A 114 -5.90 16.13 4.30
N ILE A 115 -5.86 15.58 5.51
CA ILE A 115 -6.53 16.21 6.64
C ILE A 115 -5.98 17.62 6.85
N ILE A 116 -4.66 17.75 6.87
CA ILE A 116 -4.03 19.07 7.02
C ILE A 116 -4.45 19.99 5.89
N GLY A 117 -4.31 19.51 4.65
CA GLY A 117 -4.65 20.34 3.49
C GLY A 117 -6.09 20.83 3.53
N THR A 118 -6.98 20.04 4.13
CA THR A 118 -8.39 20.43 4.16
C THR A 118 -8.68 21.41 5.30
N LYS A 119 -8.10 21.18 6.48
CA LYS A 119 -8.21 22.17 7.54
C LYS A 119 -7.66 23.51 7.08
N ILE A 120 -6.46 23.51 6.51
CA ILE A 120 -5.85 24.74 6.04
C ILE A 120 -6.75 25.42 5.00
N ALA A 121 -7.30 24.66 4.05
CA ALA A 121 -8.13 25.25 3.01
C ALA A 121 -9.36 25.93 3.60
N GLU A 122 -10.05 25.23 4.51
CA GLU A 122 -11.22 25.82 5.17
C GLU A 122 -10.88 27.16 5.80
N GLU A 123 -9.85 27.19 6.63
CA GLU A 123 -9.56 28.34 7.47
C GLU A 123 -8.98 29.53 6.70
N THR A 124 -8.40 29.29 5.51
CA THR A 124 -7.75 30.36 4.76
C THR A 124 -8.53 30.72 3.49
N GLY A 125 -9.81 30.34 3.41
CA GLY A 125 -10.56 30.57 2.20
C GLY A 125 -9.92 29.97 0.96
N GLY A 126 -9.29 28.79 1.09
CA GLY A 126 -8.83 28.07 -0.08
C GLY A 126 -9.91 27.11 -0.59
N THR A 127 -9.66 26.58 -1.79
CA THR A 127 -10.62 25.65 -2.40
C THR A 127 -10.46 24.26 -1.79
N ALA A 128 -11.59 23.67 -1.39
CA ALA A 128 -11.57 22.45 -0.57
C ALA A 128 -11.13 21.26 -1.40
N PRO A 129 -10.04 20.56 -1.03
CA PRO A 129 -9.55 19.45 -1.87
C PRO A 129 -10.61 18.40 -2.11
N ASP A 130 -10.28 17.38 -2.90
CA ASP A 130 -11.24 16.33 -3.25
C ASP A 130 -11.77 15.69 -1.97
N PRO A 131 -13.04 15.90 -1.63
CA PRO A 131 -13.58 15.25 -0.43
C PRO A 131 -13.44 13.75 -0.47
N ARG A 132 -13.62 13.14 -1.65
CA ARG A 132 -13.41 11.70 -1.81
C ARG A 132 -12.09 11.24 -1.20
N ILE A 133 -11.05 12.06 -1.33
CA ILE A 133 -9.72 11.64 -0.91
C ILE A 133 -9.72 11.18 0.54
N LEU A 134 -10.60 11.72 1.37
CA LEU A 134 -10.59 11.41 2.80
C LEU A 134 -11.60 10.34 3.21
N LYS A 135 -12.40 9.79 2.29
CA LYS A 135 -13.41 8.81 2.71
C LYS A 135 -12.75 7.52 3.14
N ASP A 136 -13.34 6.88 4.14
CA ASP A 136 -12.86 5.55 4.52
C ASP A 136 -13.09 4.59 3.36
N LYS A 137 -12.23 3.58 3.27
CA LYS A 137 -12.29 2.64 2.15
C LYS A 137 -11.63 1.34 2.58
N VAL A 138 -12.17 0.23 2.08
CA VAL A 138 -11.60 -1.09 2.37
C VAL A 138 -10.91 -1.60 1.12
N ILE A 139 -9.85 -2.39 1.33
CA ILE A 139 -9.07 -2.92 0.21
C ILE A 139 -8.55 -4.29 0.61
N SER A 140 -8.57 -5.21 -0.36
CA SER A 140 -7.98 -6.53 -0.18
C SER A 140 -6.97 -6.76 -1.30
N PHE A 141 -6.00 -7.61 -1.01
CA PHE A 141 -4.90 -7.84 -1.92
C PHE A 141 -4.76 -9.34 -2.12
N MSE A 142 -4.23 -9.69 -3.28
CA MSE A 142 -3.87 -11.07 -3.57
C MSE A 142 -2.55 -11.02 -4.33
O MSE A 142 -2.40 -10.23 -5.24
CB MSE A 142 -4.96 -11.76 -4.39
CG MSE A 142 -6.25 -11.99 -3.62
SE MSE A 142 -7.55 -13.03 -4.70
CE MSE A 142 -7.98 -11.74 -6.11
N SER A 143 -1.60 -11.83 -3.91
CA SER A 143 -0.29 -11.90 -4.55
C SER A 143 -0.15 -13.29 -5.14
N VAL A 144 0.06 -13.37 -6.44
CA VAL A 144 0.11 -14.64 -7.13
C VAL A 144 1.50 -14.82 -7.72
N GLY A 145 2.22 -15.84 -7.26
CA GLY A 145 3.51 -16.18 -7.79
C GLY A 145 3.56 -17.62 -8.31
N GLY A 146 4.71 -17.97 -8.89
CA GLY A 146 4.86 -19.30 -9.46
C GLY A 146 5.77 -20.22 -8.66
N SER A 147 6.32 -19.70 -7.57
CA SER A 147 7.14 -20.51 -6.69
C SER A 147 6.86 -20.15 -5.24
N ASP A 148 7.84 -20.35 -4.35
CA ASP A 148 7.66 -19.96 -2.96
C ASP A 148 8.52 -18.75 -2.60
N TRP A 149 9.05 -18.04 -3.60
CA TRP A 149 9.77 -16.78 -3.39
C TRP A 149 8.72 -15.69 -3.19
N VAL A 150 8.12 -15.65 -2.01
CA VAL A 150 6.92 -14.84 -1.84
C VAL A 150 6.96 -14.04 -0.55
N THR A 151 8.16 -13.89 0.04
CA THR A 151 8.31 -13.44 1.42
C THR A 151 8.18 -11.94 1.61
N ARG A 152 8.07 -11.14 0.54
CA ARG A 152 8.00 -9.71 0.67
C ARG A 152 6.73 -9.07 0.13
N THR A 153 5.87 -9.82 -0.58
CA THR A 153 4.79 -9.18 -1.33
C THR A 153 3.65 -8.71 -0.43
N GLN A 154 3.37 -9.44 0.65
CA GLN A 154 2.32 -8.99 1.56
C GLN A 154 2.67 -7.66 2.19
N CYS A 155 3.93 -7.47 2.55
CA CYS A 155 4.34 -6.18 3.06
C CYS A 155 4.22 -5.11 1.97
N ASP A 156 4.75 -5.38 0.78
CA ASP A 156 4.58 -4.45 -0.33
C ASP A 156 3.12 -4.07 -0.47
N ALA A 157 2.22 -5.06 -0.48
CA ALA A 157 0.80 -4.77 -0.61
C ALA A 157 0.30 -3.90 0.54
N GLY A 158 0.72 -4.21 1.78
CA GLY A 158 0.28 -3.41 2.91
C GLY A 158 0.71 -1.96 2.83
N MSE A 159 1.90 -1.71 2.29
CA MSE A 159 2.39 -0.33 2.09
C MSE A 159 1.47 0.56 1.28
O MSE A 159 1.34 1.74 1.54
CB MSE A 159 3.75 -0.33 1.41
CG MSE A 159 4.89 -0.60 2.32
SE MSE A 159 5.05 0.73 3.71
CE MSE A 159 6.39 -0.23 4.70
N LEU A 160 0.85 0.00 0.22
CA LEU A 160 -0.04 0.81 -0.59
C LEU A 160 -1.26 1.25 0.23
N ALA A 161 -1.83 0.34 1.04
CA ALA A 161 -2.95 0.72 1.88
C ALA A 161 -2.52 1.70 2.97
N LEU A 162 -1.26 1.63 3.40
CA LEU A 162 -0.83 2.37 4.58
C LEU A 162 -0.93 3.88 4.36
N THR A 163 -0.50 4.38 3.20
CA THR A 163 -0.49 5.82 2.98
C THR A 163 -1.87 6.45 3.15
N PRO A 164 -2.93 5.95 2.55
CA PRO A 164 -4.27 6.50 2.80
C PRO A 164 -5.00 5.88 3.99
N MSE A 165 -4.38 4.93 4.68
CA MSE A 165 -5.02 4.22 5.80
C MSE A 165 -6.31 3.54 5.39
O MSE A 165 -7.29 3.54 6.15
CB MSE A 165 -5.25 5.18 6.97
CG MSE A 165 -4.03 5.39 7.83
SE MSE A 165 -4.23 6.68 9.33
CE MSE A 165 -5.86 5.95 10.16
N TRP A 166 -6.35 2.99 4.18
CA TRP A 166 -7.45 2.12 3.84
C TRP A 166 -7.39 0.88 4.74
N LYS A 167 -8.56 0.35 5.07
CA LYS A 167 -8.66 -0.78 5.98
C LYS A 167 -8.47 -2.05 5.16
N VAL A 168 -7.39 -2.77 5.46
CA VAL A 168 -7.11 -4.06 4.83
C VAL A 168 -8.06 -5.11 5.36
N ILE A 169 -8.69 -5.85 4.45
CA ILE A 169 -9.61 -6.92 4.82
C ILE A 169 -8.91 -8.26 4.66
N ASP A 170 -8.41 -8.55 3.45
CA ASP A 170 -7.54 -9.71 3.23
C ASP A 170 -6.28 -9.27 2.52
N ASN A 171 -5.18 -9.99 2.81
CA ASN A 171 -3.87 -9.76 2.20
C ASN A 171 -3.23 -11.12 1.98
N GLU A 172 -3.63 -11.80 0.91
CA GLU A 172 -3.37 -13.23 0.73
C GLU A 172 -2.26 -13.49 -0.29
N VAL A 173 -1.44 -14.51 -0.01
CA VAL A 173 -0.35 -14.95 -0.88
C VAL A 173 -0.64 -16.34 -1.41
N PHE A 174 -0.41 -16.54 -2.70
CA PHE A 174 -0.61 -17.83 -3.35
C PHE A 174 0.69 -18.25 -4.01
N PRO A 175 1.51 -19.05 -3.34
CA PRO A 175 2.71 -19.58 -3.99
C PRO A 175 2.36 -20.71 -4.96
N TRP A 176 3.35 -21.11 -5.75
CA TRP A 176 3.23 -22.23 -6.67
C TRP A 176 1.93 -22.14 -7.46
N ALA A 177 1.67 -20.98 -8.08
CA ALA A 177 0.35 -20.67 -8.62
C ALA A 177 0.32 -20.50 -10.13
N LEU A 178 1.24 -21.12 -10.87
CA LEU A 178 1.19 -20.97 -12.31
C LEU A 178 -0.07 -21.62 -12.87
N SER A 179 -0.50 -22.74 -12.28
CA SER A 179 -1.68 -23.47 -12.70
C SER A 179 -2.86 -23.26 -11.76
N ILE A 180 -2.90 -22.09 -11.10
CA ILE A 180 -3.87 -21.89 -10.03
C ILE A 180 -5.28 -21.90 -10.57
N LEU A 181 -5.47 -21.52 -11.83
CA LEU A 181 -6.81 -21.46 -12.38
C LEU A 181 -7.45 -22.83 -12.57
N VAL A 182 -6.71 -23.94 -12.43
CA VAL A 182 -7.32 -25.27 -12.33
C VAL A 182 -7.25 -25.83 -10.91
N GLU A 183 -6.88 -25.03 -9.93
CA GLU A 183 -6.87 -25.45 -8.53
C GLU A 183 -8.12 -24.87 -7.87
N ASP A 184 -9.18 -25.66 -7.86
CA ASP A 184 -10.51 -25.20 -7.48
C ASP A 184 -10.56 -24.64 -6.05
N GLU A 185 -9.84 -25.25 -5.10
CA GLU A 185 -9.96 -24.76 -3.73
C GLU A 185 -9.29 -23.39 -3.58
N ARG A 186 -8.24 -23.12 -4.36
CA ARG A 186 -7.62 -21.81 -4.29
C ARG A 186 -8.39 -20.77 -5.10
N VAL A 187 -8.98 -21.14 -6.23
CA VAL A 187 -9.92 -20.23 -6.87
C VAL A 187 -11.07 -19.91 -5.94
N ALA A 188 -11.53 -20.91 -5.16
CA ALA A 188 -12.63 -20.68 -4.23
C ALA A 188 -12.24 -19.73 -3.12
N ARG A 189 -10.95 -19.69 -2.75
CA ARG A 189 -10.50 -18.70 -1.77
C ARG A 189 -10.66 -17.29 -2.33
N ALA A 190 -10.27 -17.06 -3.58
CA ALA A 190 -10.41 -15.73 -4.15
C ALA A 190 -11.88 -15.35 -4.25
N HIS A 191 -12.75 -16.31 -4.53
CA HIS A 191 -14.18 -16.02 -4.48
C HIS A 191 -14.57 -15.52 -3.11
N GLN A 192 -14.06 -16.17 -2.07
CA GLN A 192 -14.40 -15.76 -0.73
C GLN A 192 -13.83 -14.37 -0.43
N ILE A 193 -12.61 -14.10 -0.89
CA ILE A 193 -12.04 -12.76 -0.71
C ILE A 193 -12.97 -11.72 -1.32
N GLY A 194 -13.59 -12.05 -2.45
CA GLY A 194 -14.57 -11.14 -3.04
C GLY A 194 -15.78 -10.93 -2.16
N ARG A 195 -16.33 -12.02 -1.61
CA ARG A 195 -17.41 -11.92 -0.63
C ARG A 195 -17.03 -10.97 0.49
N ASN A 196 -15.90 -11.25 1.14
CA ASN A 196 -15.42 -10.44 2.26
C ASN A 196 -15.38 -8.95 1.91
N ILE A 197 -14.75 -8.60 0.77
CA ILE A 197 -14.55 -7.19 0.45
C ILE A 197 -15.88 -6.47 0.21
N ALA A 198 -16.83 -7.15 -0.45
CA ALA A 198 -18.17 -6.59 -0.60
C ALA A 198 -18.85 -6.44 0.75
N GLU A 199 -18.78 -7.49 1.59
CA GLU A 199 -19.37 -7.41 2.92
C GLU A 199 -18.71 -6.30 3.73
N ALA A 200 -17.37 -6.26 3.78
CA ALA A 200 -16.68 -5.17 4.46
C ALA A 200 -17.11 -3.81 3.95
N ALA A 201 -17.33 -3.69 2.64
CA ALA A 201 -17.68 -2.39 2.07
C ALA A 201 -19.05 -1.92 2.51
N LYS A 202 -20.00 -2.85 2.75
CA LYS A 202 -21.36 -2.45 3.13
C LYS A 202 -21.39 -1.63 4.41
N ASP A 203 -20.36 -1.77 5.25
CA ASP A 203 -20.30 -1.09 6.55
C ASP A 203 -18.83 -0.88 6.87
N ILE A 204 -18.22 0.12 6.22
CA ILE A 204 -16.77 0.27 6.32
C ILE A 204 -16.35 0.52 7.77
N GLU A 205 -17.20 1.17 8.56
CA GLU A 205 -16.88 1.40 9.97
C GLU A 205 -16.70 0.09 10.71
N HIS A 206 -17.67 -0.81 10.60
CA HIS A 206 -17.67 -2.03 11.39
C HIS A 206 -17.00 -3.19 10.66
N ALA A 207 -16.44 -2.96 9.47
CA ALA A 207 -15.65 -3.98 8.81
C ALA A 207 -14.40 -4.30 9.64
N GLN A 208 -14.05 -5.58 9.70
CA GLN A 208 -12.89 -6.01 10.45
C GLN A 208 -11.98 -6.89 9.58
N TYR A 209 -10.70 -6.87 9.90
CA TYR A 209 -9.70 -7.66 9.18
C TYR A 209 -10.04 -9.15 9.21
N GLN A 210 -9.96 -9.78 8.04
CA GLN A 210 -10.32 -11.19 7.84
C GLN A 210 -9.12 -12.07 7.60
N GLY A 211 -7.92 -11.53 7.52
CA GLY A 211 -6.76 -12.28 7.10
C GLY A 211 -6.02 -12.91 8.26
N ASP A 212 -4.80 -13.32 7.96
CA ASP A 212 -3.90 -14.00 8.89
C ASP A 212 -3.45 -13.05 10.00
N ALA A 213 -3.34 -13.57 11.22
CA ALA A 213 -2.98 -12.73 12.36
C ALA A 213 -1.53 -12.28 12.32
N GLY A 214 -0.66 -13.02 11.61
CA GLY A 214 0.73 -12.68 11.49
C GLY A 214 1.43 -12.64 12.84
N VAL A 215 2.53 -11.88 12.90
CA VAL A 215 3.34 -11.75 14.11
C VAL A 215 3.18 -10.38 14.77
N CYS A 216 3.22 -9.29 13.97
CA CYS A 216 3.02 -7.95 14.53
C CYS A 216 1.57 -7.83 14.97
N PRO A 217 1.28 -7.66 16.27
CA PRO A 217 -0.12 -7.63 16.72
C PRO A 217 -0.91 -6.44 16.17
N HIS A 218 -0.24 -5.39 15.72
CA HIS A 218 -0.85 -4.21 15.12
C HIS A 218 -0.89 -4.27 13.59
N CYS A 219 0.28 -4.48 12.94
CA CYS A 219 0.37 -4.54 11.47
C CYS A 219 -0.14 -5.89 10.93
N HIS A 220 0.05 -6.97 11.69
CA HIS A 220 -0.05 -8.37 11.26
C HIS A 220 1.08 -8.76 10.33
N SER A 221 2.04 -7.87 10.10
CA SER A 221 3.21 -8.24 9.32
C SER A 221 3.89 -9.47 9.89
N ARG A 222 4.57 -10.20 9.02
CA ARG A 222 5.59 -11.17 9.43
C ARG A 222 6.98 -10.72 9.01
N ASN A 223 7.12 -9.51 8.49
CA ASN A 223 8.40 -9.00 8.00
C ASN A 223 8.96 -8.03 9.03
N PHE A 224 10.21 -8.27 9.43
CA PHE A 224 10.85 -7.48 10.48
C PHE A 224 12.29 -7.17 10.10
N HIS A 225 12.74 -5.99 10.50
CA HIS A 225 14.12 -5.59 10.39
C HIS A 225 14.74 -5.74 11.78
N LEU A 226 15.85 -6.48 11.85
CA LEU A 226 16.44 -6.91 13.11
C LEU A 226 17.78 -6.23 13.35
N GLN A 227 17.91 -5.58 14.50
CA GLN A 227 19.20 -5.13 15.01
C GLN A 227 19.20 -5.19 16.53
N ASP A 228 20.40 -5.33 17.10
CA ASP A 228 20.59 -5.45 18.55
C ASP A 228 19.75 -4.45 19.33
N GLY A 229 18.80 -4.96 20.12
CA GLY A 229 17.95 -4.10 20.92
C GLY A 229 16.71 -3.58 20.22
N LYS A 230 16.55 -3.86 18.93
CA LYS A 230 15.41 -3.31 18.21
C LYS A 230 15.03 -4.22 17.06
N ALA A 231 13.82 -4.76 17.12
CA ALA A 231 13.17 -5.34 15.96
C ALA A 231 12.08 -4.37 15.52
N ILE A 232 12.06 -4.05 14.21
CA ILE A 232 11.12 -3.06 13.65
C ILE A 232 10.15 -3.76 12.70
N CYS A 233 8.85 -3.54 12.92
CA CYS A 233 7.85 -4.00 11.98
C CYS A 233 8.09 -3.31 10.65
N CYS A 234 8.28 -4.09 9.59
CA CYS A 234 8.59 -3.49 8.30
C CYS A 234 7.40 -2.80 7.66
N LEU A 235 6.19 -2.97 8.17
CA LEU A 235 5.02 -2.29 7.63
C LEU A 235 4.62 -1.09 8.47
N CYS A 236 4.29 -1.30 9.74
CA CYS A 236 3.76 -0.24 10.59
C CYS A 236 4.84 0.53 11.35
N GLY A 237 6.09 0.10 11.29
CA GLY A 237 7.18 0.83 11.89
C GLY A 237 7.32 0.69 13.39
N LEU A 238 6.48 -0.08 14.06
CA LEU A 238 6.63 -0.25 15.51
C LEU A 238 8.01 -0.80 15.85
N GLU A 239 8.62 -0.24 16.87
CA GLU A 239 9.93 -0.68 17.36
C GLU A 239 9.73 -1.42 18.69
N GLY A 240 10.12 -2.69 18.72
CA GLY A 240 9.88 -3.53 19.88
C GLY A 240 10.87 -4.68 19.92
N GLU A 241 10.39 -5.88 20.25
CA GLU A 241 11.27 -7.04 20.39
C GLU A 241 10.57 -8.30 19.90
N ILE A 242 11.34 -9.12 19.17
CA ILE A 242 10.84 -10.39 18.66
C ILE A 242 11.27 -11.47 19.63
N HIS A 243 10.36 -12.41 19.91
CA HIS A 243 10.59 -13.48 20.88
C HIS A 243 10.42 -14.83 20.20
N ASN A 244 11.35 -15.74 20.48
CA ASN A 244 11.29 -17.10 19.95
C ASN A 244 11.01 -18.06 21.11
N GLU A 245 9.78 -18.57 21.17
CA GLU A 245 9.33 -19.48 22.24
C GLU A 245 9.11 -20.85 21.64
N GLY A 246 10.19 -21.62 21.54
CA GLY A 246 10.10 -22.95 20.99
C GLY A 246 9.78 -22.99 19.50
N GLY A 247 10.12 -21.93 18.78
CA GLY A 247 9.92 -21.86 17.35
C GLY A 247 8.78 -20.97 16.93
N LYS A 248 7.91 -20.58 17.85
CA LYS A 248 6.86 -19.63 17.57
C LYS A 248 7.38 -18.22 17.87
N TYR A 249 7.35 -17.34 16.88
CA TYR A 249 7.78 -15.96 17.08
C TYR A 249 6.59 -15.11 17.50
N SER A 250 6.88 -14.06 18.27
CA SER A 250 5.88 -13.07 18.63
C SER A 250 6.59 -11.75 18.81
N PHE A 251 5.80 -10.67 18.79
CA PHE A 251 6.33 -9.31 18.75
C PHE A 251 5.68 -8.52 19.88
N THR A 252 6.50 -7.88 20.68
CA THR A 252 6.03 -6.98 21.72
C THR A 252 6.67 -5.63 21.61
N PHE A 253 5.93 -4.64 22.08
CA PHE A 253 6.35 -3.28 22.04
C PHE A 253 5.68 -2.47 23.12
N PRO A 254 6.30 -1.39 23.50
CA PRO A 254 5.81 -0.60 24.60
C PRO A 254 4.83 0.38 24.10
N ALA A 255 3.80 0.64 24.87
CA ALA A 255 2.61 1.25 24.38
C ALA A 255 2.79 2.65 23.84
N GLU A 256 3.75 3.40 24.36
CA GLU A 256 4.12 4.64 23.75
C GLU A 256 4.36 4.52 22.26
N GLN A 257 4.75 3.33 21.79
CA GLN A 257 5.04 3.22 20.37
C GLN A 257 3.80 3.43 19.52
N LEU A 258 2.64 2.99 20.00
CA LEU A 258 1.41 3.16 19.24
C LEU A 258 1.25 4.57 18.70
N GLU A 259 1.66 5.57 19.47
CA GLU A 259 1.62 6.96 19.04
C GLU A 259 2.37 7.16 17.73
N HIS A 260 3.40 6.36 17.50
CA HIS A 260 4.31 6.60 16.39
C HIS A 260 4.09 5.69 15.18
N ALA A 261 3.19 4.70 15.27
CA ALA A 261 3.00 3.74 14.20
C ALA A 261 2.64 4.43 12.88
N HIS A 262 3.29 4.01 11.79
CA HIS A 262 3.16 4.67 10.50
C HIS A 262 1.75 4.61 9.91
N ASP A 263 0.88 3.75 10.42
CA ASP A 263 -0.47 3.56 9.88
C ASP A 263 -1.55 4.15 10.79
N THR A 264 -1.18 5.09 11.66
CA THR A 264 -2.11 5.82 12.50
C THR A 264 -2.00 7.30 12.22
N LEU A 265 -3.09 8.04 12.45
CA LEU A 265 -3.04 9.48 12.26
C LEU A 265 -1.94 10.10 13.12
N SER A 266 -1.88 9.71 14.38
CA SER A 266 -0.88 10.25 15.30
C SER A 266 0.52 10.11 14.70
N GLY A 267 0.89 8.89 14.27
CA GLY A 267 2.22 8.66 13.73
C GLY A 267 2.48 9.37 12.43
N LYS A 268 1.45 9.58 11.62
CA LYS A 268 1.63 10.34 10.38
C LYS A 268 1.84 11.81 10.67
N PHE A 269 1.07 12.39 11.60
CA PHE A 269 1.25 13.79 11.95
C PHE A 269 2.66 14.06 12.42
N ILE A 270 3.19 13.17 13.27
CA ILE A 270 4.58 13.30 13.71
C ILE A 270 5.51 13.22 12.50
N HIS A 271 5.36 12.15 11.71
CA HIS A 271 6.21 11.93 10.55
C HIS A 271 6.25 13.16 9.67
N GLY A 272 5.09 13.69 9.34
CA GLY A 272 5.03 14.87 8.50
C GLY A 272 5.68 16.08 9.16
N ASN A 273 5.55 16.21 10.48
CA ASN A 273 6.18 17.34 11.17
C ASN A 273 7.69 17.29 11.03
N ASP A 274 8.29 16.09 11.20
CA ASP A 274 9.73 15.95 10.98
C ASP A 274 10.11 16.22 9.53
N ILE A 275 9.25 15.85 8.58
CA ILE A 275 9.55 16.17 7.19
C ILE A 275 9.58 17.68 6.99
N LYS A 276 8.57 18.40 7.48
CA LYS A 276 8.56 19.87 7.37
C LYS A 276 9.80 20.47 8.03
N GLU A 277 10.13 20.02 9.24
CA GLU A 277 11.29 20.56 9.93
C GLU A 277 12.58 20.27 9.16
N ASN A 278 12.75 19.04 8.67
CA ASN A 278 13.98 18.72 7.94
C ASN A 278 14.02 19.36 6.56
N THR A 279 12.86 19.63 5.96
CA THR A 279 12.87 20.30 4.66
C THR A 279 13.29 21.76 4.80
N GLY A 280 12.85 22.42 5.86
CA GLY A 280 13.34 23.76 6.13
C GLY A 280 14.84 23.80 6.38
N LYS A 281 15.36 22.82 7.13
CA LYS A 281 16.81 22.79 7.32
C LYS A 281 17.55 22.61 6.01
N LYS A 282 17.01 21.79 5.09
CA LYS A 282 17.68 21.61 3.81
C LYS A 282 17.66 22.88 2.98
N ILE A 283 16.51 23.55 2.90
CA ILE A 283 16.42 24.78 2.14
C ILE A 283 17.46 25.78 2.62
N ALA A 284 17.61 25.88 3.94
CA ALA A 284 18.58 26.81 4.49
C ALA A 284 20.00 26.36 4.16
N ASN A 285 20.28 25.05 4.34
CA ASN A 285 21.60 24.52 4.00
C ASN A 285 21.95 24.75 2.53
N MSE A 286 20.95 24.85 1.66
CA MSE A 286 21.16 24.97 0.22
C MSE A 286 21.60 26.37 -0.16
O MSE A 286 21.89 26.65 -1.33
CB MSE A 286 19.90 24.61 -0.54
CG MSE A 286 19.67 23.12 -0.70
SE MSE A 286 18.11 22.79 -1.80
CE MSE A 286 16.79 23.76 -0.75
N GLN A 287 21.61 27.27 0.82
CA GLN A 287 22.07 28.63 0.61
C GLN A 287 23.45 28.87 1.21
N THR A 288 24.04 27.88 1.90
CA THR A 288 25.38 28.01 2.43
C THR A 288 26.44 27.74 1.35
N GLU A 289 27.59 28.32 1.59
CA GLU A 289 28.71 28.22 0.70
C GLU A 289 29.18 26.81 0.64
N LYS A 290 29.18 26.14 1.78
CA LYS A 290 29.47 24.74 1.84
C LYS A 290 28.69 23.91 0.82
N TYR A 291 27.39 24.10 0.78
CA TYR A 291 26.55 23.46 -0.20
C TYR A 291 26.92 23.83 -1.62
N LYS A 292 26.98 25.12 -1.94
CA LYS A 292 27.14 25.56 -3.32
C LYS A 292 28.48 25.13 -3.90
N ALA A 293 29.52 25.13 -3.06
CA ALA A 293 30.87 24.80 -3.56
C ALA A 293 30.99 23.31 -3.84
N ARG A 294 30.56 22.48 -2.89
CA ARG A 294 30.52 21.04 -3.13
C ARG A 294 29.72 20.71 -4.39
N GLN A 295 28.54 21.32 -4.54
CA GLN A 295 27.75 21.07 -5.74
C GLN A 295 28.51 21.49 -7.00
N ALA A 296 29.22 22.62 -6.94
CA ALA A 296 29.92 23.08 -8.13
C ALA A 296 31.10 22.16 -8.46
N ALA A 297 31.78 21.66 -7.42
CA ALA A 297 32.81 20.66 -7.64
C ALA A 297 32.24 19.40 -8.28
N TYR A 298 31.02 19.00 -7.90
CA TYR A 298 30.42 17.83 -8.55
C TYR A 298 30.10 18.11 -10.01
N ARG A 299 29.45 19.24 -10.29
CA ARG A 299 29.17 19.63 -11.68
C ARG A 299 30.44 19.70 -12.50
N ALA A 300 31.56 20.10 -11.89
CA ALA A 300 32.81 20.25 -12.64
C ALA A 300 33.51 18.91 -12.86
N PHE A 301 33.39 18.01 -11.88
CA PHE A 301 34.12 16.75 -11.95
C PHE A 301 33.64 15.86 -13.09
N ILE A 302 32.33 15.75 -13.32
CA ILE A 302 31.83 14.79 -14.30
C ILE A 302 30.48 15.26 -14.85
N THR A 303 30.16 14.78 -16.05
CA THR A 303 28.89 15.02 -16.72
C THR A 303 28.19 13.68 -16.94
N ALA A 304 26.87 13.65 -16.77
CA ALA A 304 26.14 12.40 -16.89
C ALA A 304 26.16 11.91 -18.33
N THR A 305 26.45 10.62 -18.52
CA THR A 305 26.39 9.98 -19.83
C THR A 305 24.95 9.63 -20.20
N VAL A 306 24.53 9.97 -21.42
CA VAL A 306 23.18 9.66 -21.87
C VAL A 306 23.25 8.84 -23.16
N PRO A 307 22.17 8.18 -23.52
CA PRO A 307 22.13 7.46 -24.80
C PRO A 307 21.99 8.42 -25.98
N GLU A 308 22.22 7.89 -27.16
CA GLU A 308 22.11 8.71 -28.37
C GLU A 308 20.67 8.76 -28.91
N1 FMN B . 6.96 -15.87 -8.75
C2 FMN B . 7.28 -15.99 -7.48
O2 FMN B . 6.57 -16.69 -6.79
N3 FMN B . 8.32 -15.40 -6.92
C4 FMN B . 9.12 -14.63 -7.60
O4 FMN B . 10.07 -14.12 -7.09
C4A FMN B . 8.86 -14.45 -9.00
N5 FMN B . 9.64 -13.68 -9.72
C5A FMN B . 9.34 -13.50 -11.01
C6 FMN B . 10.17 -12.72 -11.74
C7 FMN B . 9.89 -12.51 -13.08
C7M FMN B . 10.79 -11.64 -13.90
C8 FMN B . 8.72 -13.16 -13.72
C8M FMN B . 8.42 -12.97 -15.16
C9 FMN B . 7.90 -13.97 -12.97
C9A FMN B . 8.18 -14.16 -11.64
N10 FMN B . 7.35 -14.97 -10.88
C10 FMN B . 7.68 -15.12 -9.55
C1' FMN B . 6.20 -15.61 -11.46
C2' FMN B . 5.10 -14.61 -11.74
O2' FMN B . 4.51 -14.22 -10.54
C3' FMN B . 4.01 -15.27 -12.51
O3' FMN B . 4.52 -15.42 -13.81
C4' FMN B . 2.71 -14.49 -12.46
O4' FMN B . 1.98 -14.95 -11.34
C5' FMN B . 1.86 -14.70 -13.65
O5' FMN B . 0.62 -14.10 -13.47
P FMN B . -0.25 -13.74 -14.69
O1P FMN B . -1.32 -12.93 -14.23
O2P FMN B . 0.63 -13.06 -15.60
O3P FMN B . -0.69 -15.06 -15.10
HN3 FMN B . 8.52 -15.56 -5.91
H6 FMN B . 11.03 -12.23 -11.29
HM71 FMN B . 10.27 -11.28 -14.75
HM72 FMN B . 11.64 -12.20 -14.22
HM73 FMN B . 11.11 -10.82 -13.31
HM81 FMN B . 8.14 -13.89 -15.59
HM82 FMN B . 9.28 -12.59 -15.65
HM83 FMN B . 7.63 -12.26 -15.26
H9 FMN B . 7.04 -14.45 -13.43
H1'1 FMN B . 6.49 -16.09 -12.40
H1'2 FMN B . 5.83 -16.38 -10.78
H2' FMN B . 5.50 -13.74 -12.29
HO2' FMN B . 4.35 -15.01 -9.99
H3' FMN B . 3.83 -16.26 -12.07
HO3' FMN B . 4.69 -14.56 -14.19
H4' FMN B . 2.94 -13.42 -12.35
HO4' FMN B . 1.92 -15.91 -11.36
H5'1 FMN B . 2.34 -14.27 -14.53
H5'2 FMN B . 1.73 -15.77 -13.83
C1 LU2 C . 10.38 -17.29 -10.79
O1 LU2 C . 9.82 -17.77 -8.54
C2 LU2 C . 9.48 -17.76 -9.85
O2 LU2 C . 6.63 -18.69 -11.90
C3 LU2 C . 8.22 -18.24 -10.22
O3 LU2 C . 7.33 -18.14 -14.40
C4 LU2 C . 7.85 -18.24 -11.55
O4 LU2 C . 10.92 -16.83 -13.01
C5 LU2 C . 8.74 -17.77 -12.54
O5 LU2 C . 13.76 -17.23 -18.07
C6 LU2 C . 9.99 -17.31 -12.11
O6 LU2 C . 14.78 -14.78 -17.56
C7 LU2 C . 8.43 -17.75 -13.96
C8 LU2 C . 9.45 -17.23 -14.81
C9 LU2 C . 10.63 -16.80 -14.33
C10 LU2 C . 11.72 -16.27 -15.18
C11 LU2 C . 12.24 -17.02 -16.25
C12 LU2 C . 13.25 -16.52 -17.03
C13 LU2 C . 13.78 -15.25 -16.77
C14 LU2 C . 13.29 -14.50 -15.71
C15 LU2 C . 12.26 -15.01 -14.93
#